data_5V3W
#
_entry.id   5V3W
#
_cell.length_a   88.666
_cell.length_b   106.913
_cell.length_c   57.815
_cell.angle_alpha   90.000
_cell.angle_beta   90.000
_cell.angle_gamma   90.000
#
_symmetry.space_group_name_H-M   'P 21 21 2'
#
loop_
_entity.id
_entity.type
_entity.pdbx_description
1 polymer 'Polyketide synthase Pks13 (Termination polyketide synthase)'
2 non-polymer (2R)-2-{[(2R)-2-{[(2S)-2-{[(2R)-2-hydroxypropyl]oxy}propyl]oxy}propyl]oxy}propan-1-ol
3 water water
#
_entity_poly.entity_id   1
_entity_poly.type   'polypeptide(L)'
_entity_poly.pdbx_seq_one_letter_code
;SNAQIDGFVRTLRARPEAGGKVPVFVFHPAGGSTVVYEPLLGRLPADTPMYGFERVEGSIEERAQQYVPKLIEMQGDGPY
VLVGWSLGGVLAYACAIGLRRLGKDVRFVGLIDAVRAGEEIPQTKEEIRKRWDRYAAFAEKTFNVTIPAIPYEQLEELDD
EGQVRFVLDAVSQSGVQIPAGIIEHQRTSYLDNRAIDTAQIQPYDGHVTLYMADRYHDDAIMFEPRYAVRQPDGGWGEYV
SDLEVVPIGGEHIQAIDEPIIAKVGEHMSRALGQIEADRTSEVGKQ
;
_entity_poly.pdbx_strand_id   A,B
#
loop_
_chem_comp.id
_chem_comp.type
_chem_comp.name
_chem_comp.formula
2Q5 non-polymer (2R)-2-{[(2R)-2-{[(2S)-2-{[(2R)-2-hydroxypropyl]oxy}propyl]oxy}propyl]oxy}propan-1-ol 'C12 H26 O5'
#
# COMPACT_ATOMS: atom_id res chain seq x y z
N GLN A 4 -23.10 0.97 29.69
CA GLN A 4 -22.68 1.59 28.42
C GLN A 4 -21.25 2.11 28.48
N ILE A 5 -20.94 2.88 29.51
CA ILE A 5 -19.55 3.26 29.77
C ILE A 5 -19.16 2.61 31.09
N ASP A 6 -18.12 1.80 31.04
CA ASP A 6 -17.62 1.11 32.23
C ASP A 6 -16.11 1.35 32.29
N GLY A 7 -15.69 2.35 33.08
CA GLY A 7 -14.27 2.68 33.17
C GLY A 7 -13.77 3.23 31.86
N PHE A 8 -12.80 2.55 31.25
CA PHE A 8 -12.36 2.99 29.93
C PHE A 8 -12.96 2.15 28.80
N VAL A 9 -13.96 1.32 29.12
CA VAL A 9 -14.60 0.52 28.09
C VAL A 9 -16.01 1.01 27.72
N ARG A 10 -16.18 1.36 26.45
CA ARG A 10 -17.47 1.79 25.92
C ARG A 10 -18.14 0.64 25.18
N THR A 11 -19.39 0.34 25.51
CA THR A 11 -20.09 -0.69 24.76
C THR A 11 -20.78 -0.03 23.56
N LEU A 12 -20.33 -0.33 22.34
CA LEU A 12 -20.98 0.18 21.13
C LEU A 12 -22.10 -0.78 20.68
N ARG A 13 -21.85 -2.08 20.76
CA ARG A 13 -22.91 -3.08 20.62
C ARG A 13 -22.60 -4.24 21.54
N ALA A 14 -23.50 -4.52 22.47
CA ALA A 14 -23.23 -5.59 23.45
C ALA A 14 -23.28 -6.95 22.79
N ARG A 15 -22.43 -7.85 23.26
CA ARG A 15 -22.47 -9.26 22.84
C ARG A 15 -23.67 -9.95 23.48
N PRO A 16 -24.19 -11.02 22.84
CA PRO A 16 -25.28 -11.74 23.51
C PRO A 16 -24.87 -12.35 24.84
N GLU A 17 -25.86 -12.78 25.63
CA GLU A 17 -25.59 -13.36 26.94
C GLU A 17 -24.64 -14.56 26.82
N ALA A 18 -24.85 -15.36 25.78
CA ALA A 18 -24.00 -16.51 25.52
C ALA A 18 -23.78 -16.70 24.04
N GLY A 19 -22.63 -17.26 23.67
CA GLY A 19 -22.35 -17.49 22.27
C GLY A 19 -22.23 -16.21 21.46
N GLY A 20 -22.67 -16.26 20.21
CA GLY A 20 -22.61 -15.08 19.37
C GLY A 20 -21.30 -14.90 18.63
N LYS A 21 -21.24 -13.84 17.85
CA LYS A 21 -20.08 -13.56 17.02
C LYS A 21 -18.94 -13.01 17.85
N VAL A 22 -17.73 -13.14 17.31
CA VAL A 22 -16.55 -12.58 17.97
C VAL A 22 -16.66 -11.06 18.01
N PRO A 23 -16.43 -10.45 19.20
CA PRO A 23 -16.47 -8.99 19.31
C PRO A 23 -15.31 -8.31 18.57
N VAL A 24 -15.56 -7.11 18.09
CA VAL A 24 -14.50 -6.26 17.56
C VAL A 24 -14.15 -5.29 18.66
N PHE A 25 -12.89 -5.27 19.04
CA PHE A 25 -12.39 -4.30 20.02
C PHE A 25 -11.77 -3.15 19.27
N VAL A 26 -12.24 -1.94 19.52
CA VAL A 26 -11.71 -0.75 18.83
C VAL A 26 -11.05 0.17 19.83
N PHE A 27 -10.07 0.94 19.36
CA PHE A 27 -9.24 1.74 20.25
C PHE A 27 -9.28 3.21 19.84
N HIS A 28 -9.39 4.09 20.81
CA HIS A 28 -9.62 5.52 20.53
C HIS A 28 -8.46 6.17 19.75
N PRO A 29 -8.78 7.17 18.92
CA PRO A 29 -7.76 8.00 18.26
C PRO A 29 -7.35 9.16 19.17
N ALA A 30 -6.22 9.79 18.87
CA ALA A 30 -5.83 10.96 19.68
C ALA A 30 -6.89 12.05 19.55
N GLY A 31 -7.31 12.58 20.70
CA GLY A 31 -8.27 13.65 20.77
C GLY A 31 -9.69 13.22 20.48
N GLY A 32 -9.95 11.90 20.47
CA GLY A 32 -11.30 11.47 20.20
C GLY A 32 -11.65 10.26 21.04
N SER A 33 -12.91 9.89 21.01
CA SER A 33 -13.41 8.72 21.73
C SER A 33 -13.79 7.65 20.72
N THR A 34 -14.20 6.49 21.22
CA THR A 34 -14.53 5.41 20.28
C THR A 34 -15.91 5.56 19.64
N VAL A 35 -16.64 6.64 19.94
CA VAL A 35 -17.85 6.96 19.18
C VAL A 35 -17.53 7.11 17.68
N VAL A 36 -16.27 7.41 17.36
CA VAL A 36 -15.90 7.57 15.95
C VAL A 36 -16.03 6.28 15.14
N TYR A 37 -16.15 5.14 15.84
CA TYR A 37 -16.24 3.85 15.14
C TYR A 37 -17.69 3.43 14.82
N GLU A 38 -18.67 4.29 15.11
CA GLU A 38 -20.07 3.93 14.83
C GLU A 38 -20.32 3.77 13.32
N PRO A 39 -19.75 4.65 12.46
CA PRO A 39 -19.98 4.37 11.01
C PRO A 39 -19.43 2.99 10.58
N LEU A 40 -18.22 2.65 11.04
CA LEU A 40 -17.64 1.32 10.77
C LEU A 40 -18.58 0.22 11.26
N LEU A 41 -19.12 0.39 12.47
CA LEU A 41 -20.01 -0.62 13.02
C LEU A 41 -21.21 -0.86 12.09
N GLY A 42 -21.71 0.20 11.49
CA GLY A 42 -22.84 0.11 10.56
C GLY A 42 -22.47 -0.67 9.31
N ARG A 43 -21.18 -0.76 9.04
CA ARG A 43 -20.74 -1.48 7.83
C ARG A 43 -20.26 -2.89 8.10
N LEU A 44 -20.35 -3.31 9.36
CA LEU A 44 -19.97 -4.66 9.76
C LEU A 44 -21.19 -5.55 9.82
N PRO A 45 -20.97 -6.87 9.89
CA PRO A 45 -22.15 -7.74 9.88
C PRO A 45 -23.12 -7.49 11.03
N ALA A 46 -24.39 -7.76 10.77
CA ALA A 46 -25.39 -7.65 11.83
C ALA A 46 -24.97 -8.50 13.04
N ASP A 47 -25.25 -7.96 14.22
CA ASP A 47 -24.99 -8.63 15.50
C ASP A 47 -23.51 -8.84 15.81
N THR A 48 -22.63 -8.14 15.09
CA THR A 48 -21.22 -8.11 15.53
C THR A 48 -21.07 -7.23 16.78
N PRO A 49 -20.60 -7.80 17.90
CA PRO A 49 -20.41 -6.95 19.08
C PRO A 49 -19.25 -6.00 18.87
N MET A 50 -19.29 -4.86 19.55
CA MET A 50 -18.15 -3.94 19.49
C MET A 50 -17.98 -3.21 20.80
N TYR A 51 -16.75 -3.26 21.31
CA TYR A 51 -16.37 -2.55 22.52
C TYR A 51 -15.23 -1.63 22.20
N GLY A 52 -15.30 -0.42 22.74
CA GLY A 52 -14.28 0.61 22.52
C GLY A 52 -13.44 0.87 23.76
N PHE A 53 -12.13 0.97 23.56
CA PHE A 53 -11.21 1.25 24.65
C PHE A 53 -10.77 2.72 24.58
N GLU A 54 -11.04 3.43 25.66
CA GLU A 54 -10.79 4.85 25.72
C GLU A 54 -9.43 5.13 26.39
N ARG A 55 -9.12 6.41 26.47
CA ARG A 55 -7.80 6.89 26.85
C ARG A 55 -7.36 6.45 28.24
N VAL A 56 -6.10 5.98 28.30
CA VAL A 56 -5.41 5.78 29.57
C VAL A 56 -4.02 6.40 29.45
N GLU A 57 -3.32 6.52 30.58
CA GLU A 57 -2.01 7.17 30.61
C GLU A 57 -0.84 6.22 30.41
N GLY A 58 0.26 6.77 29.93
CA GLY A 58 1.52 6.06 29.86
C GLY A 58 2.11 5.98 28.47
N SER A 59 3.25 5.31 28.36
CA SER A 59 3.79 4.93 27.06
C SER A 59 2.77 4.03 26.38
N ILE A 60 2.94 3.82 25.08
CA ILE A 60 2.13 2.86 24.34
C ILE A 60 2.14 1.50 25.08
N GLU A 61 3.33 1.07 25.50
CA GLU A 61 3.46 -0.23 26.14
C GLU A 61 2.72 -0.26 27.48
N GLU A 62 2.80 0.84 28.23
CA GLU A 62 2.10 0.92 29.51
C GLU A 62 0.58 0.96 29.34
N ARG A 63 0.10 1.56 28.25
CA ARG A 63 -1.32 1.61 27.96
C ARG A 63 -1.79 0.20 27.68
N ALA A 64 -1.04 -0.52 26.87
CA ALA A 64 -1.42 -1.90 26.56
C ALA A 64 -1.37 -2.78 27.81
N GLN A 65 -0.48 -2.48 28.74
CA GLN A 65 -0.43 -3.22 29.98
C GLN A 65 -1.72 -3.02 30.81
N GLN A 66 -2.44 -1.93 30.56
CA GLN A 66 -3.72 -1.69 31.22
C GLN A 66 -4.86 -2.33 30.43
N TYR A 67 -4.79 -2.25 29.10
CA TYR A 67 -5.83 -2.79 28.23
C TYR A 67 -5.87 -4.33 28.18
N VAL A 68 -4.71 -4.97 28.09
CA VAL A 68 -4.68 -6.43 27.86
C VAL A 68 -5.38 -7.24 28.98
N PRO A 69 -5.14 -6.93 30.27
CA PRO A 69 -5.92 -7.66 31.28
C PRO A 69 -7.42 -7.49 31.14
N LYS A 70 -7.86 -6.32 30.69
CA LYS A 70 -9.29 -6.08 30.51
C LYS A 70 -9.81 -6.84 29.32
N LEU A 71 -9.01 -6.87 28.25
CA LEU A 71 -9.36 -7.70 27.08
C LEU A 71 -9.57 -9.17 27.49
N ILE A 72 -8.66 -9.70 28.30
CA ILE A 72 -8.72 -11.09 28.72
C ILE A 72 -9.89 -11.33 29.65
N GLU A 73 -10.21 -10.36 30.50
CA GLU A 73 -11.41 -10.50 31.32
C GLU A 73 -12.65 -10.62 30.45
N MET A 74 -12.69 -9.86 29.37
CA MET A 74 -13.85 -9.85 28.50
C MET A 74 -13.92 -11.01 27.49
N GLN A 75 -12.77 -11.50 27.01
CA GLN A 75 -12.80 -12.43 25.86
C GLN A 75 -12.00 -13.73 26.08
N GLY A 76 -11.29 -13.85 27.19
CA GLY A 76 -10.67 -15.11 27.54
C GLY A 76 -9.54 -15.51 26.61
N ASP A 77 -9.57 -16.76 26.11
CA ASP A 77 -8.48 -17.21 25.25
C ASP A 77 -8.55 -16.62 23.85
N GLY A 78 -9.70 -16.05 23.50
CA GLY A 78 -9.88 -15.50 22.17
C GLY A 78 -11.14 -16.06 21.58
N PRO A 79 -11.36 -15.83 20.27
CA PRO A 79 -10.44 -15.10 19.38
C PRO A 79 -10.49 -13.59 19.52
N TYR A 80 -9.36 -12.95 19.29
CA TYR A 80 -9.29 -11.51 19.41
C TYR A 80 -9.28 -10.85 18.06
N VAL A 81 -10.11 -9.83 17.94
CA VAL A 81 -10.17 -8.95 16.77
C VAL A 81 -9.95 -7.54 17.29
N LEU A 82 -8.88 -6.91 16.81
CA LEU A 82 -8.41 -5.63 17.38
C LEU A 82 -8.25 -4.61 16.29
N VAL A 83 -8.88 -3.47 16.43
CA VAL A 83 -8.99 -2.51 15.33
C VAL A 83 -8.78 -1.09 15.82
N GLY A 84 -8.04 -0.28 15.06
CA GLY A 84 -8.01 1.13 15.44
C GLY A 84 -7.57 2.03 14.30
N TRP A 85 -8.09 3.25 14.34
CA TRP A 85 -7.72 4.34 13.42
C TRP A 85 -6.70 5.24 14.12
N SER A 86 -5.68 5.64 13.36
CA SER A 86 -4.69 6.59 13.89
C SER A 86 -3.99 6.01 15.12
N LEU A 87 -3.87 6.77 16.21
CA LEU A 87 -3.28 6.25 17.44
C LEU A 87 -3.95 4.93 17.83
N GLY A 88 -5.26 4.85 17.62
CA GLY A 88 -5.98 3.62 17.92
C GLY A 88 -5.40 2.37 17.28
N GLY A 89 -4.83 2.50 16.08
CA GLY A 89 -4.22 1.35 15.41
C GLY A 89 -2.93 0.93 16.11
N VAL A 90 -2.13 1.90 16.54
CA VAL A 90 -0.92 1.59 17.30
C VAL A 90 -1.29 0.93 18.63
N LEU A 91 -2.33 1.43 19.29
CA LEU A 91 -2.79 0.78 20.53
C LEU A 91 -3.28 -0.66 20.27
N ALA A 92 -4.04 -0.87 19.20
CA ALA A 92 -4.50 -2.23 18.87
C ALA A 92 -3.33 -3.20 18.67
N TYR A 93 -2.35 -2.74 17.92
CA TYR A 93 -1.15 -3.52 17.64
C TYR A 93 -0.42 -3.85 18.95
N ALA A 94 -0.26 -2.89 19.83
CA ALA A 94 0.45 -3.14 21.09
C ALA A 94 -0.29 -4.19 21.92
N CYS A 95 -1.61 -4.14 21.84
CA CYS A 95 -2.42 -5.14 22.54
C CYS A 95 -2.29 -6.52 21.90
N ALA A 96 -2.20 -6.59 20.57
CA ALA A 96 -1.98 -7.86 19.91
C ALA A 96 -0.69 -8.49 20.40
N ILE A 97 0.34 -7.65 20.50
CA ILE A 97 1.64 -8.12 20.99
C ILE A 97 1.52 -8.71 22.38
N GLY A 98 0.84 -7.98 23.26
CA GLY A 98 0.72 -8.40 24.66
C GLY A 98 -0.10 -9.67 24.80
N LEU A 99 -1.18 -9.76 24.02
CA LEU A 99 -2.00 -10.97 24.03
C LEU A 99 -1.26 -12.18 23.49
N ARG A 100 -0.52 -12.03 22.40
CA ARG A 100 0.25 -13.16 21.90
C ARG A 100 1.34 -13.63 22.87
N ARG A 101 1.91 -12.72 23.63
CA ARG A 101 2.87 -13.12 24.63
C ARG A 101 2.22 -14.01 25.66
N LEU A 102 0.94 -13.81 25.91
CA LEU A 102 0.23 -14.58 26.92
C LEU A 102 -0.43 -15.81 26.29
N GLY A 103 -0.06 -16.07 25.03
CA GLY A 103 -0.55 -17.23 24.30
C GLY A 103 -1.99 -17.18 23.85
N LYS A 104 -2.55 -15.97 23.72
CA LYS A 104 -3.93 -15.84 23.31
C LYS A 104 -4.04 -15.87 21.79
N ASP A 105 -5.26 -16.16 21.33
CA ASP A 105 -5.54 -16.32 19.92
C ASP A 105 -6.00 -15.03 19.27
N VAL A 106 -5.07 -14.35 18.60
CA VAL A 106 -5.38 -13.08 17.91
C VAL A 106 -5.55 -13.39 16.43
N ARG A 107 -6.74 -13.08 15.90
CA ARG A 107 -7.10 -13.51 14.54
C ARG A 107 -7.18 -12.38 13.54
N PHE A 108 -7.27 -11.14 14.02
CA PHE A 108 -7.34 -9.98 13.12
C PHE A 108 -6.83 -8.75 13.83
N VAL A 109 -5.95 -8.01 13.17
CA VAL A 109 -5.46 -6.72 13.64
C VAL A 109 -5.67 -5.75 12.47
N GLY A 110 -6.56 -4.79 12.68
CA GLY A 110 -6.91 -3.86 11.60
C GLY A 110 -6.43 -2.46 11.95
N LEU A 111 -5.50 -1.96 11.14
CA LEU A 111 -4.97 -0.61 11.32
C LEU A 111 -5.63 0.29 10.28
N ILE A 112 -6.43 1.25 10.73
CA ILE A 112 -7.12 2.10 9.79
C ILE A 112 -6.25 3.32 9.63
N ASP A 113 -5.48 3.29 8.55
CA ASP A 113 -4.49 4.30 8.19
C ASP A 113 -3.57 4.70 9.33
N ALA A 114 -3.16 3.74 10.15
CA ALA A 114 -2.19 4.03 11.22
C ALA A 114 -0.79 3.90 10.63
N VAL A 115 -0.44 4.87 9.80
CA VAL A 115 0.76 4.80 8.97
C VAL A 115 1.91 5.53 9.63
N ARG A 116 3.05 4.86 9.76
CA ARG A 116 4.18 5.51 10.45
C ARG A 116 4.74 6.65 9.65
N ALA A 117 5.36 7.61 10.35
CA ALA A 117 6.09 8.64 9.65
C ALA A 117 7.13 8.00 8.72
N GLY A 118 7.33 8.60 7.54
CA GLY A 118 8.08 7.93 6.49
C GLY A 118 9.57 7.91 6.80
N GLU A 119 9.97 8.78 7.73
CA GLU A 119 11.33 8.86 8.20
C GLU A 119 11.21 8.85 9.72
N GLU A 120 12.08 8.12 10.43
CA GLU A 120 11.97 8.06 11.89
C GLU A 120 12.18 9.43 12.55
N ILE A 121 11.44 9.69 13.62
CA ILE A 121 11.58 10.95 14.37
C ILE A 121 12.70 10.81 15.40
N PRO A 122 13.80 11.59 15.23
CA PRO A 122 14.91 11.47 16.17
C PRO A 122 14.52 11.89 17.58
N GLN A 123 15.05 11.20 18.58
CA GLN A 123 14.78 11.53 19.98
C GLN A 123 15.99 12.25 20.52
N THR A 124 16.17 13.49 20.07
CA THR A 124 17.38 14.23 20.37
C THR A 124 17.14 15.67 20.77
N LYS A 125 18.11 16.25 21.46
CA LYS A 125 18.04 17.67 21.77
C LYS A 125 17.92 18.55 20.52
N GLU A 126 18.69 18.22 19.48
CA GLU A 126 18.62 19.00 18.27
C GLU A 126 17.22 18.95 17.66
N GLU A 127 16.58 17.77 17.69
CA GLU A 127 15.24 17.67 17.13
C GLU A 127 14.22 18.43 18.00
N ILE A 128 14.39 18.43 19.31
CA ILE A 128 13.48 19.22 20.15
C ILE A 128 13.60 20.71 19.81
N ARG A 129 14.83 21.16 19.58
CA ARG A 129 15.05 22.56 19.19
C ARG A 129 14.37 22.86 17.86
N LYS A 130 14.57 21.98 16.88
CA LYS A 130 14.03 22.21 15.53
C LYS A 130 12.51 22.19 15.53
N ARG A 131 11.97 21.26 16.31
CA ARG A 131 10.52 21.11 16.46
C ARG A 131 9.89 22.38 17.03
N TRP A 132 10.40 22.88 18.16
CA TRP A 132 9.79 24.05 18.75
C TRP A 132 10.10 25.31 17.94
N ASP A 133 11.23 25.34 17.22
CA ASP A 133 11.50 26.44 16.27
C ASP A 133 10.42 26.48 15.18
N ARG A 134 10.05 25.31 14.68
CA ARG A 134 9.02 25.23 13.66
C ARG A 134 7.65 25.64 14.20
N TYR A 135 7.33 25.18 15.38
CA TYR A 135 6.06 25.53 15.97
C TYR A 135 5.98 27.02 16.23
N ALA A 136 7.08 27.61 16.69
CA ALA A 136 7.11 29.04 16.93
C ALA A 136 6.95 29.83 15.64
N ALA A 137 7.60 29.38 14.58
CA ALA A 137 7.46 30.07 13.30
C ALA A 137 6.02 30.05 12.86
N PHE A 138 5.33 28.92 13.05
CA PHE A 138 3.94 28.84 12.62
C PHE A 138 3.04 29.72 13.50
N ALA A 139 3.39 29.80 14.79
CA ALA A 139 2.66 30.66 15.71
C ALA A 139 2.81 32.12 15.35
N GLU A 140 4.02 32.53 14.92
CA GLU A 140 4.30 33.93 14.55
C GLU A 140 3.38 34.35 13.43
N LYS A 141 3.28 33.48 12.42
CA LYS A 141 2.49 33.74 11.22
C LYS A 141 1.01 33.75 11.54
N THR A 142 0.58 32.74 12.28
CA THR A 142 -0.85 32.54 12.56
C THR A 142 -1.42 33.63 13.46
N PHE A 143 -0.63 34.05 14.44
CA PHE A 143 -1.08 35.01 15.44
C PHE A 143 -0.44 36.38 15.34
N ASN A 144 0.33 36.61 14.28
CA ASN A 144 0.88 37.93 14.01
C ASN A 144 1.72 38.46 15.19
N VAL A 145 2.59 37.61 15.73
CA VAL A 145 3.47 37.97 16.83
C VAL A 145 4.92 37.64 16.49
N THR A 146 5.86 38.22 17.24
CA THR A 146 7.23 37.68 17.26
C THR A 146 7.37 36.79 18.49
N ILE A 147 8.08 35.68 18.34
CA ILE A 147 8.30 34.77 19.46
C ILE A 147 9.69 35.07 20.00
N PRO A 148 9.81 35.23 21.32
CA PRO A 148 11.14 35.51 21.87
C PRO A 148 11.99 34.26 21.97
N ALA A 149 13.28 34.43 22.25
CA ALA A 149 14.21 33.31 22.42
C ALA A 149 13.56 32.14 23.12
N ILE A 150 13.66 30.97 22.53
CA ILE A 150 13.08 29.77 23.13
C ILE A 150 14.04 29.19 24.16
N PRO A 151 13.52 28.86 25.36
CA PRO A 151 14.37 28.26 26.40
C PRO A 151 14.66 26.79 26.08
N TYR A 152 15.59 26.55 25.17
CA TYR A 152 15.83 25.18 24.74
C TYR A 152 16.28 24.26 25.87
N GLU A 153 17.09 24.80 26.78
CA GLU A 153 17.66 23.99 27.85
C GLU A 153 16.56 23.44 28.73
N GLN A 154 15.56 24.26 29.01
CA GLN A 154 14.43 23.82 29.83
C GLN A 154 13.59 22.76 29.10
N LEU A 155 13.26 23.01 27.83
CA LEU A 155 12.41 22.08 27.07
C LEU A 155 13.04 20.71 26.83
N GLU A 156 14.34 20.69 26.59
CA GLU A 156 14.97 19.47 26.12
C GLU A 156 15.18 18.42 27.21
N GLU A 157 15.03 18.79 28.48
CA GLU A 157 15.13 17.79 29.54
C GLU A 157 13.76 17.22 29.91
N LEU A 158 12.70 17.77 29.34
CA LEU A 158 11.33 17.29 29.61
C LEU A 158 10.88 16.26 28.57
N ASP A 159 9.99 15.35 28.95
CA ASP A 159 9.35 14.50 27.95
C ASP A 159 8.27 15.31 27.24
N ASP A 160 7.58 14.69 26.29
CA ASP A 160 6.66 15.44 25.45
C ASP A 160 5.56 16.07 26.29
N GLU A 161 5.07 15.35 27.29
CA GLU A 161 4.03 15.92 28.14
C GLU A 161 4.55 17.12 28.91
N GLY A 162 5.75 17.00 29.47
CA GLY A 162 6.37 18.10 30.16
C GLY A 162 6.59 19.28 29.23
N GLN A 163 7.00 19.04 27.99
CA GLN A 163 7.23 20.15 27.07
C GLN A 163 5.96 20.93 26.80
N VAL A 164 4.88 20.24 26.45
CA VAL A 164 3.66 20.92 26.05
C VAL A 164 3.02 21.60 27.28
N ARG A 165 3.18 20.98 28.45
CA ARG A 165 2.72 21.57 29.72
C ARG A 165 3.47 22.88 30.00
N PHE A 166 4.79 22.86 29.81
CA PHE A 166 5.64 24.02 30.01
C PHE A 166 5.21 25.21 29.15
N VAL A 167 4.93 24.93 27.89
CA VAL A 167 4.54 25.97 26.93
C VAL A 167 3.14 26.50 27.26
N LEU A 168 2.21 25.59 27.55
CA LEU A 168 0.85 26.00 27.93
C LEU A 168 0.87 26.83 29.22
N ASP A 169 1.73 26.47 30.15
CA ASP A 169 1.81 27.23 31.40
C ASP A 169 2.37 28.64 31.17
N ALA A 170 3.28 28.77 30.20
CA ALA A 170 3.81 30.08 29.86
C ALA A 170 2.72 30.92 29.22
N VAL A 171 1.91 30.32 28.34
CA VAL A 171 0.78 31.03 27.75
C VAL A 171 -0.21 31.51 28.83
N SER A 172 -0.45 30.66 29.82
CA SER A 172 -1.40 30.94 30.90
C SER A 172 -1.04 32.15 31.76
N GLN A 173 0.22 32.56 31.75
CA GLN A 173 0.67 33.68 32.58
C GLN A 173 0.10 35.04 32.18
N SER A 174 -0.48 35.15 31.00
CA SER A 174 -1.00 36.44 30.55
C SER A 174 -2.28 36.29 29.75
N GLY A 175 -3.07 37.36 29.70
CA GLY A 175 -4.25 37.38 28.87
C GLY A 175 -5.41 36.66 29.55
N VAL A 176 -6.48 36.51 28.79
CA VAL A 176 -7.69 35.89 29.28
C VAL A 176 -7.51 34.41 29.63
N GLN A 177 -8.21 33.93 30.66
CA GLN A 177 -8.05 32.52 31.04
C GLN A 177 -8.72 31.64 29.99
N ILE A 178 -7.99 30.63 29.54
CA ILE A 178 -8.50 29.70 28.54
C ILE A 178 -9.27 28.61 29.25
N PRO A 179 -10.49 28.31 28.77
CA PRO A 179 -11.32 27.26 29.36
C PRO A 179 -10.56 25.94 29.50
N ALA A 180 -10.74 25.27 30.64
CA ALA A 180 -9.94 24.09 30.95
C ALA A 180 -10.12 23.01 29.91
N GLY A 181 -11.33 22.89 29.36
CA GLY A 181 -11.60 21.83 28.39
C GLY A 181 -10.76 21.99 27.14
N ILE A 182 -10.49 23.24 26.76
CA ILE A 182 -9.66 23.46 25.58
C ILE A 182 -8.21 23.12 25.87
N ILE A 183 -7.70 23.58 27.02
CA ILE A 183 -6.31 23.28 27.40
C ILE A 183 -6.08 21.76 27.51
N GLU A 184 -7.02 21.07 28.13
CA GLU A 184 -6.86 19.64 28.37
C GLU A 184 -6.91 18.86 27.05
N HIS A 185 -7.82 19.25 26.17
CA HIS A 185 -7.91 18.60 24.86
C HIS A 185 -6.63 18.80 24.09
N GLN A 186 -6.10 20.02 24.08
CA GLN A 186 -4.89 20.24 23.31
C GLN A 186 -3.70 19.50 23.92
N ARG A 187 -3.58 19.51 25.24
CA ARG A 187 -2.45 18.85 25.91
C ARG A 187 -2.47 17.33 25.68
N THR A 188 -3.62 16.73 25.91
CA THR A 188 -3.69 15.28 25.79
C THR A 188 -3.62 14.83 24.33
N SER A 189 -4.20 15.58 23.41
CA SER A 189 -4.05 15.19 22.03
C SER A 189 -2.58 15.25 21.59
N TYR A 190 -1.89 16.29 22.00
CA TYR A 190 -0.52 16.42 21.60
C TYR A 190 0.30 15.25 22.15
N LEU A 191 0.15 14.96 23.42
CA LEU A 191 0.96 13.95 24.01
C LEU A 191 0.66 12.53 23.47
N ASP A 192 -0.61 12.31 23.18
CA ASP A 192 -1.04 11.02 22.69
C ASP A 192 -0.45 10.76 21.32
N ASN A 193 -0.49 11.76 20.47
CA ASN A 193 0.13 11.63 19.16
C ASN A 193 1.65 11.46 19.26
N ARG A 194 2.27 12.14 20.22
CA ARG A 194 3.73 12.00 20.36
C ARG A 194 4.14 10.63 20.91
N ALA A 195 3.25 9.97 21.63
CA ALA A 195 3.54 8.68 22.25
C ALA A 195 3.95 7.65 21.22
N ILE A 196 3.39 7.79 20.03
CA ILE A 196 3.73 6.90 18.93
C ILE A 196 5.25 6.93 18.64
N ASP A 197 5.85 8.11 18.76
CA ASP A 197 7.25 8.29 18.37
C ASP A 197 8.24 7.49 19.20
N THR A 198 7.86 7.22 20.45
CA THR A 198 8.78 6.53 21.38
C THR A 198 8.35 5.10 21.64
N ALA A 199 7.39 4.63 20.85
CA ALA A 199 6.94 3.25 20.96
C ALA A 199 8.03 2.27 20.53
N GLN A 200 8.25 1.26 21.36
CA GLN A 200 9.15 0.16 21.02
C GLN A 200 8.31 -0.93 20.33
N ILE A 201 8.22 -0.88 19.01
CA ILE A 201 7.40 -1.83 18.25
C ILE A 201 8.04 -3.21 18.20
N GLN A 202 7.26 -4.22 18.61
CA GLN A 202 7.70 -5.61 18.56
C GLN A 202 7.17 -6.31 17.33
N PRO A 203 7.88 -7.35 16.88
CA PRO A 203 7.41 -8.15 15.76
C PRO A 203 6.13 -8.86 16.15
N TYR A 204 5.21 -8.99 15.21
CA TYR A 204 3.94 -9.69 15.46
C TYR A 204 3.85 -10.83 14.46
N ASP A 205 3.48 -12.02 14.94
CA ASP A 205 3.53 -13.24 14.13
C ASP A 205 2.23 -13.57 13.43
N GLY A 206 1.26 -12.67 13.50
CA GLY A 206 -0.03 -12.91 12.91
C GLY A 206 -0.31 -11.97 11.75
N HIS A 207 -1.53 -12.06 11.22
CA HIS A 207 -1.92 -11.25 10.07
C HIS A 207 -2.36 -9.85 10.50
N VAL A 208 -1.81 -8.83 9.84
CA VAL A 208 -2.23 -7.45 10.06
C VAL A 208 -2.74 -6.89 8.76
N THR A 209 -3.86 -6.18 8.87
CA THR A 209 -4.47 -5.50 7.75
C THR A 209 -4.32 -4.01 7.94
N LEU A 210 -3.61 -3.38 7.00
CA LEU A 210 -3.43 -1.92 7.05
C LEU A 210 -4.25 -1.24 5.96
N TYR A 211 -5.30 -0.55 6.38
CA TYR A 211 -6.13 0.18 5.43
C TYR A 211 -5.43 1.50 5.19
N MET A 212 -5.01 1.71 3.95
CA MET A 212 -4.13 2.82 3.66
C MET A 212 -4.83 3.89 2.84
N ALA A 213 -4.81 5.08 3.39
CA ALA A 213 -5.21 6.27 2.66
C ALA A 213 -4.09 6.75 1.73
N ASP A 214 -4.37 7.80 0.97
CA ASP A 214 -3.37 8.31 0.05
C ASP A 214 -2.31 9.15 0.76
N ARG A 215 -2.72 9.88 1.78
CA ARG A 215 -1.82 10.83 2.44
C ARG A 215 -2.33 11.27 3.80
N TYR A 216 -1.41 11.80 4.60
CA TYR A 216 -1.83 12.52 5.78
C TYR A 216 -2.39 13.89 5.40
N HIS A 217 -3.35 14.33 6.19
CA HIS A 217 -3.91 15.65 6.06
C HIS A 217 -2.95 16.73 6.56
N ASP A 218 -3.20 17.98 6.18
CA ASP A 218 -2.27 19.08 6.44
C ASP A 218 -1.94 19.26 7.92
N ASP A 219 -2.93 19.11 8.79
CA ASP A 219 -2.70 19.29 10.23
C ASP A 219 -1.71 18.26 10.79
N ALA A 220 -1.72 17.03 10.25
CA ALA A 220 -0.76 16.00 10.68
C ALA A 220 0.66 16.39 10.31
N ILE A 221 0.81 16.98 9.13
CA ILE A 221 2.14 17.32 8.64
C ILE A 221 2.64 18.59 9.34
N MET A 222 1.73 19.49 9.72
CA MET A 222 2.11 20.64 10.56
C MET A 222 2.57 20.13 11.95
N PHE A 223 1.89 19.14 12.49
CA PHE A 223 2.30 18.52 13.76
C PHE A 223 3.69 17.91 13.63
N GLU A 224 3.91 17.14 12.58
CA GLU A 224 5.19 16.47 12.39
C GLU A 224 5.46 16.28 10.91
N PRO A 225 6.45 17.02 10.39
CA PRO A 225 6.66 17.06 8.94
C PRO A 225 6.98 15.72 8.31
N ARG A 226 7.48 14.78 9.10
CA ARG A 226 7.88 13.50 8.55
C ARG A 226 6.68 12.68 8.12
N TYR A 227 5.48 13.12 8.50
CA TYR A 227 4.27 12.44 8.03
C TYR A 227 3.91 12.79 6.56
N ALA A 228 4.67 13.66 5.93
CA ALA A 228 4.45 13.97 4.51
C ALA A 228 4.92 12.83 3.60
N VAL A 229 5.74 11.96 4.16
CA VAL A 229 6.29 10.83 3.41
C VAL A 229 5.72 9.51 3.92
N ARG A 230 5.24 8.65 3.02
CA ARG A 230 4.74 7.33 3.39
C ARG A 230 5.52 6.27 2.68
N GLN A 231 5.88 5.20 3.38
CA GLN A 231 6.52 4.08 2.73
C GLN A 231 5.46 3.08 2.26
N PRO A 232 5.82 2.25 1.26
CA PRO A 232 4.83 1.31 0.73
C PRO A 232 4.21 0.36 1.78
N ASP A 233 4.98 -0.02 2.80
CA ASP A 233 4.46 -0.90 3.85
C ASP A 233 3.94 -0.09 5.05
N GLY A 234 3.88 1.23 4.91
CA GLY A 234 3.39 2.08 5.98
C GLY A 234 4.25 2.05 7.23
N GLY A 235 5.45 1.47 7.13
CA GLY A 235 6.36 1.37 8.27
C GLY A 235 6.12 0.17 9.16
N TRP A 236 5.35 -0.79 8.65
CA TRP A 236 5.00 -1.99 9.42
C TRP A 236 5.67 -3.26 8.91
N GLY A 237 6.23 -3.22 7.69
CA GLY A 237 6.78 -4.41 7.07
C GLY A 237 7.93 -5.06 7.82
N GLU A 238 8.77 -4.27 8.49
CA GLU A 238 9.89 -4.84 9.23
C GLU A 238 9.44 -5.63 10.47
N TYR A 239 8.22 -5.34 10.93
CA TYR A 239 7.68 -5.95 12.13
C TYR A 239 6.66 -7.03 11.86
N VAL A 240 6.05 -6.99 10.68
CA VAL A 240 4.95 -7.88 10.34
C VAL A 240 5.21 -8.58 9.03
N SER A 241 5.56 -9.85 9.08
CA SER A 241 5.80 -10.59 7.83
C SER A 241 4.48 -10.83 7.08
N ASP A 242 3.39 -11.04 7.84
CA ASP A 242 2.10 -11.33 7.23
C ASP A 242 1.25 -10.06 7.16
N LEU A 243 1.66 -9.13 6.29
CA LEU A 243 1.05 -7.82 6.19
C LEU A 243 0.24 -7.67 4.91
N GLU A 244 -0.99 -7.24 5.09
CA GLU A 244 -1.88 -6.93 3.96
C GLU A 244 -2.13 -5.44 3.97
N VAL A 245 -2.02 -4.80 2.81
CA VAL A 245 -2.36 -3.38 2.71
C VAL A 245 -3.61 -3.26 1.85
N VAL A 246 -4.59 -2.52 2.34
CA VAL A 246 -5.84 -2.33 1.59
C VAL A 246 -5.99 -0.84 1.27
N PRO A 247 -5.65 -0.44 0.04
CA PRO A 247 -5.79 0.99 -0.28
C PRO A 247 -7.25 1.49 -0.17
N ILE A 248 -7.44 2.65 0.46
CA ILE A 248 -8.79 3.22 0.58
C ILE A 248 -8.90 4.64 0.04
N GLY A 249 -7.78 5.21 -0.40
CA GLY A 249 -7.77 6.57 -0.91
C GLY A 249 -8.00 7.65 0.13
N GLY A 250 -8.14 8.90 -0.33
CA GLY A 250 -8.42 10.01 0.57
C GLY A 250 -7.30 10.40 1.52
N GLU A 251 -7.67 11.25 2.47
CA GLU A 251 -6.74 11.68 3.52
C GLU A 251 -6.99 10.94 4.82
N HIS A 252 -5.98 10.93 5.67
CA HIS A 252 -6.07 10.27 6.98
C HIS A 252 -7.34 10.58 7.75
N ILE A 253 -7.69 11.86 7.78
CA ILE A 253 -8.78 12.35 8.58
C ILE A 253 -10.12 11.84 8.04
N GLN A 254 -10.17 11.49 6.75
CA GLN A 254 -11.40 10.96 6.12
C GLN A 254 -11.60 9.46 6.26
N ALA A 255 -10.56 8.75 6.68
CA ALA A 255 -10.56 7.29 6.61
C ALA A 255 -11.63 6.67 7.50
N ILE A 256 -12.00 7.37 8.56
CA ILE A 256 -12.90 6.85 9.59
C ILE A 256 -14.37 7.12 9.27
N ASP A 257 -14.61 7.91 8.22
CA ASP A 257 -15.95 8.38 7.93
C ASP A 257 -16.49 7.83 6.62
N GLU A 258 -17.81 7.89 6.47
CA GLU A 258 -18.43 7.62 5.18
C GLU A 258 -17.93 8.71 4.23
N PRO A 259 -17.70 8.38 2.96
CA PRO A 259 -17.93 7.08 2.33
C PRO A 259 -16.76 6.11 2.41
N ILE A 260 -15.57 6.57 2.81
CA ILE A 260 -14.38 5.72 2.74
C ILE A 260 -14.48 4.54 3.69
N ILE A 261 -15.14 4.74 4.84
CA ILE A 261 -15.24 3.65 5.82
C ILE A 261 -16.05 2.48 5.24
N ALA A 262 -16.82 2.69 4.16
CA ALA A 262 -17.56 1.59 3.55
C ALA A 262 -16.59 0.60 2.93
N LYS A 263 -15.48 1.11 2.42
CA LYS A 263 -14.45 0.25 1.83
C LYS A 263 -13.84 -0.60 2.93
N VAL A 264 -13.50 0.06 4.02
CA VAL A 264 -12.94 -0.62 5.19
C VAL A 264 -13.93 -1.68 5.68
N GLY A 265 -15.19 -1.31 5.84
CA GLY A 265 -16.17 -2.26 6.36
C GLY A 265 -16.45 -3.46 5.46
N GLU A 266 -16.42 -3.24 4.15
CA GLU A 266 -16.68 -4.33 3.21
C GLU A 266 -15.60 -5.39 3.34
N HIS A 267 -14.35 -4.92 3.39
CA HIS A 267 -13.21 -5.83 3.52
C HIS A 267 -13.21 -6.52 4.88
N MET A 268 -13.39 -5.72 5.94
CA MET A 268 -13.39 -6.24 7.30
C MET A 268 -14.53 -7.23 7.50
N SER A 269 -15.69 -6.99 6.88
CA SER A 269 -16.80 -7.93 6.99
C SER A 269 -16.45 -9.30 6.42
N ARG A 270 -15.69 -9.32 5.33
CA ARG A 270 -15.28 -10.58 4.70
C ARG A 270 -14.32 -11.31 5.64
N ALA A 271 -13.43 -10.55 6.28
CA ALA A 271 -12.48 -11.17 7.20
C ALA A 271 -13.19 -11.76 8.42
N LEU A 272 -14.17 -11.03 8.95
CA LEU A 272 -14.94 -11.52 10.08
C LEU A 272 -15.74 -12.73 9.68
N GLY A 273 -16.25 -12.71 8.45
CA GLY A 273 -17.05 -13.82 7.97
C GLY A 273 -16.22 -15.09 7.94
N GLN A 274 -14.96 -14.95 7.58
CA GLN A 274 -14.10 -16.12 7.52
C GLN A 274 -13.80 -16.63 8.92
N ILE A 275 -13.59 -15.72 9.86
CA ILE A 275 -13.34 -16.13 11.24
C ILE A 275 -14.53 -16.88 11.82
N GLU A 276 -15.75 -16.40 11.56
CA GLU A 276 -16.95 -17.07 12.05
C GLU A 276 -17.13 -18.44 11.39
N ALA A 277 -16.82 -18.52 10.10
CA ALA A 277 -16.98 -19.79 9.40
C ALA A 277 -15.99 -20.84 9.92
N ASP A 278 -14.78 -20.39 10.25
CA ASP A 278 -13.74 -21.29 10.73
C ASP A 278 -14.08 -21.79 12.13
N ARG A 279 -14.85 -20.99 12.87
CA ARG A 279 -15.20 -21.37 14.24
C ARG A 279 -16.21 -22.48 14.19
N THR A 280 -17.16 -22.36 13.26
CA THR A 280 -18.29 -23.27 13.15
C THR A 280 -17.88 -24.63 12.61
N GLN B 4 6.59 -26.24 -27.63
CA GLN B 4 7.01 -25.33 -26.57
C GLN B 4 6.42 -23.92 -26.74
N ILE B 5 6.63 -23.35 -27.93
CA ILE B 5 6.05 -22.07 -28.31
C ILE B 5 5.17 -22.24 -29.54
N ASP B 6 3.95 -21.72 -29.45
CA ASP B 6 2.97 -21.75 -30.53
C ASP B 6 2.42 -20.35 -30.73
N GLY B 7 2.91 -19.68 -31.77
CA GLY B 7 2.52 -18.31 -32.02
C GLY B 7 3.14 -17.46 -30.94
N PHE B 8 2.29 -16.77 -30.18
CA PHE B 8 2.79 -16.02 -29.04
C PHE B 8 2.53 -16.71 -27.70
N VAL B 9 2.10 -17.97 -27.72
CA VAL B 9 1.84 -18.69 -26.48
C VAL B 9 2.92 -19.71 -26.15
N ARG B 10 3.56 -19.49 -25.01
CA ARG B 10 4.59 -20.40 -24.51
C ARG B 10 3.98 -21.35 -23.48
N THR B 11 4.14 -22.66 -23.63
CA THR B 11 3.65 -23.55 -22.59
C THR B 11 4.71 -23.74 -21.50
N LEU B 12 4.46 -23.24 -20.29
CA LEU B 12 5.38 -23.49 -19.17
C LEU B 12 5.01 -24.81 -18.45
N ARG B 13 3.71 -25.04 -18.28
CA ARG B 13 3.19 -26.34 -17.88
C ARG B 13 1.84 -26.59 -18.51
N ALA B 14 1.75 -27.65 -19.32
CA ALA B 14 0.49 -27.91 -20.01
C ALA B 14 -0.60 -28.38 -19.02
N ARG B 15 -1.84 -27.99 -19.27
CA ARG B 15 -2.97 -28.55 -18.51
C ARG B 15 -3.23 -29.98 -18.98
N PRO B 16 -3.80 -30.83 -18.10
CA PRO B 16 -4.19 -32.17 -18.54
C PRO B 16 -5.31 -32.13 -19.57
N GLU B 17 -5.56 -33.24 -20.26
CA GLU B 17 -6.57 -33.30 -21.32
C GLU B 17 -7.94 -32.89 -20.81
N ALA B 18 -8.27 -33.32 -19.60
CA ALA B 18 -9.53 -32.96 -18.97
C ALA B 18 -9.34 -32.73 -17.47
N GLY B 19 -10.20 -31.90 -16.89
CA GLY B 19 -10.11 -31.57 -15.48
C GLY B 19 -8.82 -30.82 -15.21
N GLY B 20 -8.27 -31.01 -14.02
CA GLY B 20 -7.03 -30.35 -13.66
C GLY B 20 -7.31 -28.98 -13.08
N LYS B 21 -6.24 -28.34 -12.62
CA LYS B 21 -6.36 -27.07 -11.95
C LYS B 21 -6.50 -25.94 -12.96
N VAL B 22 -6.99 -24.80 -12.49
CA VAL B 22 -7.13 -23.63 -13.33
C VAL B 22 -5.76 -23.15 -13.76
N PRO B 23 -5.59 -22.92 -15.06
CA PRO B 23 -4.32 -22.40 -15.54
C PRO B 23 -4.05 -20.98 -15.09
N VAL B 24 -2.77 -20.71 -14.91
CA VAL B 24 -2.32 -19.35 -14.70
C VAL B 24 -1.76 -18.82 -16.02
N PHE B 25 -2.29 -17.69 -16.48
CA PHE B 25 -1.77 -17.03 -17.66
C PHE B 25 -0.83 -15.92 -17.23
N VAL B 26 0.39 -15.96 -17.75
CA VAL B 26 1.41 -14.96 -17.38
C VAL B 26 1.80 -14.18 -18.63
N PHE B 27 2.24 -12.94 -18.44
CA PHE B 27 2.51 -12.04 -19.55
C PHE B 27 3.93 -11.51 -19.51
N HIS B 28 4.59 -11.46 -20.66
CA HIS B 28 6.02 -11.15 -20.68
C HIS B 28 6.29 -9.74 -20.15
N PRO B 29 7.46 -9.55 -19.54
CA PRO B 29 7.94 -8.21 -19.20
C PRO B 29 8.69 -7.56 -20.37
N ALA B 30 8.92 -6.25 -20.35
CA ALA B 30 9.69 -5.65 -21.43
C ALA B 30 11.09 -6.25 -21.51
N GLY B 31 11.51 -6.61 -22.72
CA GLY B 31 12.84 -7.13 -22.92
C GLY B 31 13.06 -8.55 -22.41
N GLY B 32 11.99 -9.24 -22.05
CA GLY B 32 12.13 -10.60 -21.55
C GLY B 32 11.05 -11.55 -22.05
N SER B 33 11.20 -12.83 -21.69
CA SER B 33 10.23 -13.85 -22.07
C SER B 33 9.50 -14.34 -20.83
N THR B 34 8.48 -15.18 -21.04
CA THR B 34 7.72 -15.67 -19.89
C THR B 34 8.46 -16.81 -19.20
N VAL B 35 9.66 -17.19 -19.69
CA VAL B 35 10.51 -18.09 -18.93
C VAL B 35 10.87 -17.45 -17.59
N VAL B 36 10.73 -16.13 -17.51
CA VAL B 36 11.04 -15.42 -16.28
C VAL B 36 10.11 -15.87 -15.13
N TYR B 37 8.97 -16.50 -15.47
CA TYR B 37 8.01 -16.93 -14.44
C TYR B 37 8.23 -18.34 -13.92
N GLU B 38 9.30 -19.02 -14.35
CA GLU B 38 9.51 -20.37 -13.86
C GLU B 38 9.76 -20.38 -12.34
N PRO B 39 10.55 -19.42 -11.79
CA PRO B 39 10.67 -19.46 -10.33
C PRO B 39 9.33 -19.30 -9.62
N LEU B 40 8.47 -18.40 -10.10
CA LEU B 40 7.13 -18.28 -9.56
C LEU B 40 6.38 -19.61 -9.64
N LEU B 41 6.42 -20.26 -10.80
CA LEU B 41 5.71 -21.52 -10.97
C LEU B 41 6.16 -22.55 -9.92
N GLY B 42 7.44 -22.52 -9.59
CA GLY B 42 7.98 -23.44 -8.60
C GLY B 42 7.40 -23.22 -7.22
N ARG B 43 6.87 -22.01 -7.01
CA ARG B 43 6.32 -21.62 -5.72
C ARG B 43 4.79 -21.62 -5.70
N LEU B 44 4.20 -22.07 -6.81
CA LEU B 44 2.74 -22.24 -6.93
C LEU B 44 2.35 -23.69 -6.66
N PRO B 45 1.03 -23.96 -6.45
CA PRO B 45 0.66 -25.32 -6.08
C PRO B 45 1.06 -26.37 -7.13
N ALA B 46 1.25 -27.59 -6.66
CA ALA B 46 1.63 -28.66 -7.58
C ALA B 46 0.68 -28.79 -8.75
N ASP B 47 1.27 -29.02 -9.93
CA ASP B 47 0.46 -29.29 -11.13
C ASP B 47 -0.42 -28.14 -11.58
N THR B 48 -0.09 -26.91 -11.15
CA THR B 48 -0.74 -25.76 -11.72
C THR B 48 -0.30 -25.56 -13.17
N PRO B 49 -1.24 -25.56 -14.13
CA PRO B 49 -0.85 -25.27 -15.51
C PRO B 49 -0.41 -23.81 -15.63
N MET B 50 0.46 -23.52 -16.58
CA MET B 50 0.87 -22.14 -16.79
C MET B 50 1.20 -21.90 -18.25
N TYR B 51 0.60 -20.86 -18.81
CA TYR B 51 0.86 -20.48 -20.19
C TYR B 51 1.32 -19.06 -20.24
N GLY B 52 2.35 -18.78 -21.03
CA GLY B 52 2.86 -17.44 -21.12
C GLY B 52 2.57 -16.78 -22.45
N PHE B 53 2.18 -15.51 -22.37
CA PHE B 53 1.87 -14.76 -23.57
C PHE B 53 3.05 -13.82 -23.85
N GLU B 54 3.64 -14.02 -25.02
CA GLU B 54 4.83 -13.30 -25.43
C GLU B 54 4.44 -12.08 -26.26
N ARG B 55 5.45 -11.32 -26.67
CA ARG B 55 5.23 -10.02 -27.26
C ARG B 55 4.41 -10.02 -28.57
N VAL B 56 3.47 -9.08 -28.66
CA VAL B 56 2.79 -8.80 -29.91
C VAL B 56 2.83 -7.29 -30.13
N GLU B 57 2.41 -6.82 -31.31
CA GLU B 57 2.49 -5.40 -31.66
C GLU B 57 1.26 -4.61 -31.22
N GLY B 58 1.46 -3.31 -31.04
CA GLY B 58 0.37 -2.37 -30.85
C GLY B 58 0.38 -1.60 -29.55
N SER B 59 -0.61 -0.77 -29.38
CA SER B 59 -0.87 -0.15 -28.06
C SER B 59 -1.18 -1.25 -27.06
N ILE B 60 -1.19 -0.92 -25.77
CA ILE B 60 -1.58 -1.90 -24.76
C ILE B 60 -2.95 -2.50 -25.10
N GLU B 61 -3.86 -1.65 -25.53
CA GLU B 61 -5.22 -2.08 -25.84
C GLU B 61 -5.23 -3.00 -27.04
N GLU B 62 -4.43 -2.66 -28.04
CA GLU B 62 -4.36 -3.47 -29.26
C GLU B 62 -3.74 -4.83 -28.96
N ARG B 63 -2.78 -4.86 -28.03
CA ARG B 63 -2.17 -6.11 -27.63
C ARG B 63 -3.20 -7.00 -26.94
N ALA B 64 -3.97 -6.41 -26.02
CA ALA B 64 -5.00 -7.20 -25.36
C ALA B 64 -6.09 -7.66 -26.33
N GLN B 65 -6.35 -6.90 -27.40
CA GLN B 65 -7.35 -7.35 -28.38
C GLN B 65 -6.84 -8.56 -29.16
N GLN B 66 -5.52 -8.81 -29.15
CA GLN B 66 -4.99 -10.03 -29.75
C GLN B 66 -4.96 -11.16 -28.73
N TYR B 67 -4.60 -10.83 -27.50
CA TYR B 67 -4.49 -11.83 -26.46
C TYR B 67 -5.84 -12.38 -26.03
N VAL B 68 -6.84 -11.52 -25.91
CA VAL B 68 -8.12 -11.97 -25.30
C VAL B 68 -8.83 -13.06 -26.16
N PRO B 69 -8.89 -12.90 -27.50
CA PRO B 69 -9.48 -14.02 -28.25
C PRO B 69 -8.71 -15.35 -28.04
N LYS B 70 -7.39 -15.29 -27.85
CA LYS B 70 -6.63 -16.52 -27.64
C LYS B 70 -6.91 -17.09 -26.24
N LEU B 71 -6.99 -16.21 -25.24
CA LEU B 71 -7.38 -16.63 -23.89
C LEU B 71 -8.69 -17.39 -23.91
N ILE B 72 -9.69 -16.87 -24.63
CA ILE B 72 -11.00 -17.50 -24.65
C ILE B 72 -10.98 -18.83 -25.40
N GLU B 73 -10.16 -18.90 -26.44
CA GLU B 73 -9.98 -20.15 -27.17
C GLU B 73 -9.44 -21.20 -26.20
N MET B 74 -8.55 -20.78 -25.30
CA MET B 74 -7.91 -21.70 -24.36
C MET B 74 -8.74 -22.01 -23.11
N GLN B 75 -9.55 -21.07 -22.64
CA GLN B 75 -10.17 -21.24 -21.31
C GLN B 75 -11.68 -20.97 -21.27
N GLY B 76 -12.26 -20.52 -22.38
CA GLY B 76 -13.71 -20.45 -22.48
C GLY B 76 -14.30 -19.39 -21.55
N ASP B 77 -15.32 -19.75 -20.77
CA ASP B 77 -15.97 -18.74 -19.91
C ASP B 77 -15.15 -18.37 -18.65
N GLY B 78 -14.15 -19.17 -18.34
CA GLY B 78 -13.34 -18.92 -17.18
C GLY B 78 -13.28 -20.20 -16.41
N PRO B 79 -12.73 -20.14 -15.20
CA PRO B 79 -12.23 -18.92 -14.56
C PRO B 79 -10.88 -18.45 -15.09
N TYR B 80 -10.64 -17.13 -15.09
CA TYR B 80 -9.37 -16.61 -15.55
C TYR B 80 -8.50 -16.16 -14.40
N VAL B 81 -7.23 -16.56 -14.47
CA VAL B 81 -6.20 -16.15 -13.55
C VAL B 81 -5.10 -15.54 -14.39
N LEU B 82 -4.81 -14.26 -14.15
CA LEU B 82 -3.94 -13.46 -15.03
C LEU B 82 -2.86 -12.81 -14.18
N VAL B 83 -1.61 -13.01 -14.54
CA VAL B 83 -0.50 -12.59 -13.68
C VAL B 83 0.59 -11.98 -14.50
N GLY B 84 1.19 -10.89 -14.04
CA GLY B 84 2.37 -10.41 -14.73
C GLY B 84 3.25 -9.50 -13.89
N TRP B 85 4.55 -9.54 -14.17
CA TRP B 85 5.53 -8.66 -13.56
C TRP B 85 5.85 -7.51 -14.51
N SER B 86 5.97 -6.30 -13.97
CA SER B 86 6.42 -5.17 -14.75
C SER B 86 5.39 -4.92 -15.87
N LEU B 87 5.86 -4.74 -17.11
CA LEU B 87 4.93 -4.58 -18.23
C LEU B 87 3.90 -5.71 -18.26
N GLY B 88 4.34 -6.93 -17.95
CA GLY B 88 3.43 -8.07 -17.90
C GLY B 88 2.20 -7.84 -17.03
N GLY B 89 2.35 -7.09 -15.94
CA GLY B 89 1.21 -6.83 -15.08
C GLY B 89 0.22 -5.90 -15.76
N VAL B 90 0.75 -4.89 -16.46
CA VAL B 90 -0.13 -4.04 -17.22
C VAL B 90 -0.84 -4.82 -18.32
N LEU B 91 -0.13 -5.71 -18.99
CA LEU B 91 -0.80 -6.55 -20.01
C LEU B 91 -1.89 -7.43 -19.38
N ALA B 92 -1.59 -8.02 -18.24
CA ALA B 92 -2.58 -8.85 -17.54
C ALA B 92 -3.83 -8.04 -17.21
N TYR B 93 -3.62 -6.84 -16.69
CA TYR B 93 -4.76 -5.98 -16.36
C TYR B 93 -5.55 -5.66 -17.62
N ALA B 94 -4.86 -5.32 -18.71
CA ALA B 94 -5.56 -5.01 -19.95
C ALA B 94 -6.41 -6.19 -20.44
N CYS B 95 -5.90 -7.40 -20.24
CA CYS B 95 -6.65 -8.60 -20.59
C CYS B 95 -7.82 -8.82 -19.64
N ALA B 96 -7.64 -8.52 -18.37
CA ALA B 96 -8.79 -8.62 -17.45
C ALA B 96 -9.95 -7.74 -17.90
N ILE B 97 -9.61 -6.49 -18.25
CA ILE B 97 -10.60 -5.52 -18.71
C ILE B 97 -11.31 -6.04 -19.94
N GLY B 98 -10.52 -6.57 -20.88
CA GLY B 98 -11.09 -7.07 -22.12
C GLY B 98 -11.96 -8.29 -21.92
N LEU B 99 -11.53 -9.18 -21.02
CA LEU B 99 -12.38 -10.34 -20.70
C LEU B 99 -13.69 -9.93 -20.01
N ARG B 100 -13.64 -8.95 -19.11
CA ARG B 100 -14.91 -8.47 -18.53
C ARG B 100 -15.82 -7.77 -19.56
N ARG B 101 -15.24 -7.11 -20.55
CA ARG B 101 -16.05 -6.55 -21.64
C ARG B 101 -16.79 -7.65 -22.38
N LEU B 102 -16.23 -8.86 -22.39
CA LEU B 102 -16.88 -10.00 -23.04
C LEU B 102 -17.64 -10.89 -22.06
N GLY B 103 -17.79 -10.42 -20.83
CA GLY B 103 -18.58 -11.12 -19.82
C GLY B 103 -17.95 -12.40 -19.28
N LYS B 104 -16.63 -12.53 -19.35
CA LYS B 104 -15.99 -13.73 -18.84
C LYS B 104 -15.67 -13.60 -17.35
N ASP B 105 -15.47 -14.74 -16.72
CA ASP B 105 -15.25 -14.83 -15.27
C ASP B 105 -13.78 -14.69 -14.91
N VAL B 106 -13.37 -13.50 -14.44
CA VAL B 106 -11.97 -13.29 -14.05
C VAL B 106 -11.85 -13.37 -12.53
N ARG B 107 -11.06 -14.29 -12.02
CA ARG B 107 -11.08 -14.55 -10.58
C ARG B 107 -9.83 -14.12 -9.83
N PHE B 108 -8.74 -13.87 -10.56
CA PHE B 108 -7.52 -13.35 -9.93
C PHE B 108 -6.71 -12.57 -10.94
N VAL B 109 -6.26 -11.39 -10.52
CA VAL B 109 -5.32 -10.61 -11.33
C VAL B 109 -4.16 -10.31 -10.41
N GLY B 110 -2.97 -10.81 -10.74
CA GLY B 110 -1.80 -10.60 -9.91
C GLY B 110 -0.77 -9.72 -10.59
N LEU B 111 -0.55 -8.55 -9.99
CA LEU B 111 0.44 -7.61 -10.52
C LEU B 111 1.68 -7.70 -9.70
N ILE B 112 2.78 -8.17 -10.29
CA ILE B 112 4.02 -8.30 -9.52
C ILE B 112 4.81 -7.03 -9.75
N ASP B 113 4.68 -6.14 -8.76
CA ASP B 113 5.28 -4.81 -8.72
C ASP B 113 5.08 -4.00 -10.00
N ALA B 114 3.88 -4.13 -10.55
CA ALA B 114 3.53 -3.33 -11.74
C ALA B 114 2.97 -1.98 -11.28
N VAL B 115 3.87 -1.16 -10.75
CA VAL B 115 3.49 0.06 -10.06
C VAL B 115 3.59 1.23 -11.03
N ARG B 116 2.51 1.97 -11.17
CA ARG B 116 2.50 3.09 -12.10
C ARG B 116 3.42 4.19 -11.63
N ALA B 117 3.92 4.97 -12.60
CA ALA B 117 4.66 6.18 -12.29
C ALA B 117 3.82 7.05 -11.35
N GLY B 118 4.48 7.74 -10.42
CA GLY B 118 3.77 8.41 -9.34
C GLY B 118 3.06 9.65 -9.83
N GLU B 119 3.46 10.10 -11.02
CA GLU B 119 2.91 11.26 -11.71
C GLU B 119 2.70 10.90 -13.17
N GLU B 120 1.63 11.39 -13.79
CA GLU B 120 1.43 11.09 -15.21
C GLU B 120 2.58 11.63 -16.05
N ILE B 121 2.95 10.88 -17.08
CA ILE B 121 4.02 11.29 -17.98
C ILE B 121 3.43 12.20 -19.05
N PRO B 122 3.87 13.46 -19.08
CA PRO B 122 3.26 14.40 -20.03
C PRO B 122 3.49 13.98 -21.48
N GLN B 123 2.46 14.14 -22.31
CA GLN B 123 2.58 13.80 -23.72
C GLN B 123 2.74 15.08 -24.50
N THR B 124 3.89 15.73 -24.31
CA THR B 124 4.12 17.04 -24.90
C THR B 124 5.47 17.07 -25.57
N LYS B 125 5.59 18.00 -26.51
CA LYS B 125 6.84 18.26 -27.19
C LYS B 125 7.93 18.60 -26.17
N GLU B 126 7.60 19.40 -25.16
CA GLU B 126 8.58 19.78 -24.15
C GLU B 126 9.16 18.55 -23.43
N GLU B 127 8.31 17.57 -23.13
CA GLU B 127 8.76 16.36 -22.46
C GLU B 127 9.62 15.49 -23.36
N ILE B 128 9.31 15.48 -24.65
CA ILE B 128 10.13 14.73 -25.60
C ILE B 128 11.54 15.30 -25.64
N ARG B 129 11.63 16.63 -25.67
CA ARG B 129 12.94 17.26 -25.67
C ARG B 129 13.70 16.91 -24.38
N LYS B 130 13.03 17.03 -23.23
CA LYS B 130 13.66 16.78 -21.94
C LYS B 130 14.10 15.32 -21.80
N ARG B 131 13.26 14.43 -22.28
CA ARG B 131 13.54 13.01 -22.25
C ARG B 131 14.84 12.66 -22.98
N TRP B 132 14.97 13.09 -24.23
CA TRP B 132 16.15 12.70 -24.99
C TRP B 132 17.42 13.41 -24.53
N ASP B 133 17.27 14.60 -23.97
CA ASP B 133 18.41 15.29 -23.37
C ASP B 133 18.97 14.47 -22.20
N ARG B 134 18.09 13.88 -21.40
CA ARG B 134 18.54 13.09 -20.25
C ARG B 134 19.24 11.84 -20.75
N TYR B 135 18.69 11.23 -21.80
CA TYR B 135 19.27 10.02 -22.36
C TYR B 135 20.66 10.33 -22.95
N ALA B 136 20.80 11.51 -23.56
CA ALA B 136 22.09 11.94 -24.12
C ALA B 136 23.16 12.11 -23.05
N ALA B 137 22.78 12.76 -21.95
CA ALA B 137 23.68 12.94 -20.82
C ALA B 137 24.13 11.59 -20.26
N PHE B 138 23.20 10.65 -20.18
CA PHE B 138 23.50 9.34 -19.63
C PHE B 138 24.38 8.56 -20.60
N ALA B 139 24.20 8.82 -21.89
CA ALA B 139 25.02 8.18 -22.89
C ALA B 139 26.47 8.64 -22.71
N GLU B 140 26.65 9.92 -22.38
CA GLU B 140 27.99 10.48 -22.19
C GLU B 140 28.75 9.87 -21.01
N LYS B 141 28.15 9.89 -19.82
CA LYS B 141 28.80 9.33 -18.62
C LYS B 141 28.91 7.80 -18.67
N PRO B 148 26.26 13.69 -30.26
CA PRO B 148 25.96 14.60 -31.37
C PRO B 148 24.69 15.45 -31.13
N ALA B 149 24.48 16.49 -31.93
CA ALA B 149 23.28 17.31 -31.75
C ALA B 149 22.11 16.83 -32.60
N ILE B 150 21.02 16.45 -31.94
CA ILE B 150 19.78 16.11 -32.63
C ILE B 150 18.92 17.37 -32.69
N PRO B 151 18.37 17.66 -33.88
CA PRO B 151 17.46 18.79 -34.14
C PRO B 151 16.10 18.56 -33.48
N TYR B 152 15.94 19.08 -32.27
CA TYR B 152 14.75 18.85 -31.46
C TYR B 152 13.48 19.14 -32.26
N GLU B 153 13.57 20.03 -33.25
CA GLU B 153 12.40 20.36 -34.07
C GLU B 153 11.89 19.11 -34.82
N GLN B 154 12.82 18.32 -35.36
CA GLN B 154 12.45 17.07 -36.03
C GLN B 154 11.93 16.04 -35.04
N LEU B 155 12.64 15.93 -33.93
CA LEU B 155 12.37 14.89 -32.95
C LEU B 155 10.99 14.98 -32.31
N GLU B 156 10.52 16.21 -32.04
CA GLU B 156 9.31 16.39 -31.25
C GLU B 156 8.02 16.14 -32.04
N GLU B 157 8.16 15.95 -33.35
CA GLU B 157 7.01 15.66 -34.21
C GLU B 157 6.81 14.17 -34.39
N LEU B 158 7.74 13.36 -33.88
CA LEU B 158 7.63 11.91 -34.04
C LEU B 158 6.99 11.21 -32.83
N ASP B 159 6.35 10.07 -33.07
CA ASP B 159 5.90 9.23 -31.96
C ASP B 159 7.11 8.49 -31.37
N ASP B 160 6.89 7.67 -30.34
CA ASP B 160 8.01 7.05 -29.64
C ASP B 160 8.85 6.18 -30.59
N GLU B 161 8.20 5.45 -31.49
CA GLU B 161 8.91 4.59 -32.45
C GLU B 161 9.84 5.39 -33.36
N GLY B 162 9.31 6.48 -33.91
CA GLY B 162 10.12 7.36 -34.74
C GLY B 162 11.25 8.01 -33.94
N GLN B 163 10.95 8.43 -32.71
CA GLN B 163 11.97 9.11 -31.90
C GLN B 163 13.17 8.21 -31.70
N VAL B 164 12.92 6.98 -31.26
CA VAL B 164 14.03 6.14 -30.90
C VAL B 164 14.81 5.73 -32.16
N ARG B 165 14.14 5.50 -33.28
CA ARG B 165 14.89 5.20 -34.50
C ARG B 165 15.73 6.41 -34.96
N PHE B 166 15.15 7.59 -34.88
CA PHE B 166 15.87 8.80 -35.27
C PHE B 166 17.12 8.99 -34.42
N VAL B 167 16.98 8.78 -33.11
CA VAL B 167 18.12 8.95 -32.24
C VAL B 167 19.16 7.83 -32.43
N LEU B 168 18.68 6.60 -32.61
CA LEU B 168 19.62 5.50 -32.88
C LEU B 168 20.44 5.76 -34.15
N ASP B 169 19.81 6.38 -35.15
CA ASP B 169 20.52 6.69 -36.40
C ASP B 169 21.60 7.73 -36.18
N ALA B 170 21.35 8.68 -35.28
CA ALA B 170 22.35 9.70 -34.99
C ALA B 170 23.53 9.07 -34.26
N VAL B 171 23.21 8.17 -33.34
CA VAL B 171 24.24 7.45 -32.59
C VAL B 171 25.13 6.64 -33.50
N SER B 172 24.54 5.91 -34.44
CA SER B 172 25.38 5.13 -35.35
C SER B 172 26.23 6.01 -36.26
N GLN B 173 25.74 7.19 -36.61
CA GLN B 173 26.52 8.06 -37.50
C GLN B 173 27.74 8.62 -36.76
N SER B 174 27.71 8.57 -35.43
CA SER B 174 28.80 9.13 -34.65
C SER B 174 29.83 8.07 -34.30
N GLY B 175 29.79 6.95 -35.03
CA GLY B 175 30.83 5.95 -34.92
C GLY B 175 30.76 5.01 -33.74
N VAL B 176 29.80 5.18 -32.84
CA VAL B 176 29.68 4.27 -31.71
C VAL B 176 29.33 2.90 -32.29
N GLN B 177 29.94 1.85 -31.74
CA GLN B 177 29.79 0.50 -32.29
C GLN B 177 29.05 -0.50 -31.39
N ILE B 178 27.74 -0.31 -31.21
CA ILE B 178 26.94 -1.24 -30.41
C ILE B 178 26.45 -2.37 -31.31
N PRO B 179 26.57 -3.64 -30.86
CA PRO B 179 26.07 -4.77 -31.65
C PRO B 179 24.60 -4.62 -32.00
N ALA B 180 24.22 -4.94 -33.23
CA ALA B 180 22.86 -4.68 -33.69
C ALA B 180 21.84 -5.42 -32.86
N GLY B 181 22.20 -6.61 -32.41
CA GLY B 181 21.29 -7.39 -31.60
C GLY B 181 21.00 -6.73 -30.26
N ILE B 182 22.00 -6.05 -29.72
CA ILE B 182 21.83 -5.34 -28.45
C ILE B 182 20.91 -4.14 -28.71
N ILE B 183 21.20 -3.41 -29.79
CA ILE B 183 20.38 -2.26 -30.14
C ILE B 183 18.91 -2.62 -30.27
N GLU B 184 18.63 -3.71 -30.95
CA GLU B 184 17.24 -4.06 -31.24
C GLU B 184 16.54 -4.50 -29.96
N HIS B 185 17.26 -5.24 -29.13
CA HIS B 185 16.71 -5.63 -27.84
C HIS B 185 16.37 -4.38 -27.01
N GLN B 186 17.27 -3.40 -27.00
CA GLN B 186 17.05 -2.21 -26.19
C GLN B 186 15.92 -1.37 -26.81
N ARG B 187 15.85 -1.35 -28.15
CA ARG B 187 14.81 -0.58 -28.84
C ARG B 187 13.41 -1.10 -28.50
N THR B 188 13.22 -2.42 -28.57
CA THR B 188 11.89 -2.95 -28.31
C THR B 188 11.57 -2.90 -26.84
N SER B 189 12.57 -3.12 -25.98
CA SER B 189 12.35 -2.95 -24.53
C SER B 189 11.86 -1.55 -24.21
N TYR B 190 12.52 -0.56 -24.80
CA TYR B 190 12.16 0.86 -24.61
C TYR B 190 10.72 1.13 -25.02
N LEU B 191 10.37 0.71 -26.22
CA LEU B 191 9.05 1.01 -26.74
C LEU B 191 7.96 0.24 -25.98
N ASP B 192 8.28 -0.97 -25.52
CA ASP B 192 7.29 -1.73 -24.77
C ASP B 192 7.03 -1.03 -23.45
N ASN B 193 8.08 -0.59 -22.79
CA ASN B 193 7.89 0.15 -21.55
C ASN B 193 7.18 1.49 -21.75
N ARG B 194 7.45 2.15 -22.88
CA ARG B 194 6.80 3.42 -23.15
C ARG B 194 5.31 3.28 -23.48
N ALA B 195 4.91 2.12 -24.00
CA ALA B 195 3.50 1.89 -24.32
C ALA B 195 2.65 2.05 -23.09
N ILE B 196 3.24 1.77 -21.93
CA ILE B 196 2.52 1.89 -20.67
C ILE B 196 1.99 3.31 -20.45
N ASP B 197 2.74 4.33 -20.87
CA ASP B 197 2.40 5.70 -20.55
C ASP B 197 1.05 6.18 -21.09
N THR B 198 0.62 5.59 -22.21
CA THR B 198 -0.62 5.96 -22.85
C THR B 198 -1.65 4.84 -22.76
N ALA B 199 -1.40 3.86 -21.90
CA ALA B 199 -2.36 2.78 -21.73
C ALA B 199 -3.65 3.41 -21.20
N GLN B 200 -4.78 3.01 -21.78
CA GLN B 200 -6.07 3.49 -21.31
C GLN B 200 -6.59 2.57 -20.22
N ILE B 201 -6.32 2.91 -18.97
CA ILE B 201 -6.76 2.10 -17.86
C ILE B 201 -8.24 2.33 -17.53
N GLN B 202 -9.03 1.26 -17.62
CA GLN B 202 -10.45 1.27 -17.28
C GLN B 202 -10.68 0.67 -15.91
N PRO B 203 -11.80 1.01 -15.26
CA PRO B 203 -12.12 0.34 -14.00
C PRO B 203 -12.32 -1.15 -14.15
N TYR B 204 -11.93 -1.90 -13.11
CA TYR B 204 -12.10 -3.35 -13.07
C TYR B 204 -12.85 -3.74 -11.82
N ASP B 205 -13.86 -4.63 -11.96
CA ASP B 205 -14.74 -4.94 -10.84
C ASP B 205 -14.34 -6.16 -10.00
N GLY B 206 -13.18 -6.72 -10.25
CA GLY B 206 -12.74 -7.91 -9.54
C GLY B 206 -11.58 -7.67 -8.60
N HIS B 207 -11.08 -8.77 -8.04
CA HIS B 207 -9.96 -8.71 -7.11
C HIS B 207 -8.62 -8.59 -7.84
N VAL B 208 -7.83 -7.61 -7.41
CA VAL B 208 -6.47 -7.46 -7.89
C VAL B 208 -5.51 -7.51 -6.71
N THR B 209 -4.44 -8.29 -6.81
CA THR B 209 -3.38 -8.28 -5.81
C THR B 209 -2.16 -7.66 -6.43
N LEU B 210 -1.69 -6.59 -5.81
CA LEU B 210 -0.45 -5.93 -6.22
C LEU B 210 0.65 -6.23 -5.19
N TYR B 211 1.64 -7.00 -5.63
CA TYR B 211 2.80 -7.30 -4.79
C TYR B 211 3.73 -6.12 -4.96
N MET B 212 3.90 -5.34 -3.90
CA MET B 212 4.61 -4.09 -4.02
C MET B 212 5.97 -4.15 -3.38
N ALA B 213 6.98 -3.88 -4.19
CA ALA B 213 8.33 -3.73 -3.69
C ALA B 213 8.46 -2.36 -3.06
N ASP B 214 9.63 -2.07 -2.52
CA ASP B 214 9.83 -0.79 -1.89
C ASP B 214 10.07 0.35 -2.88
N ARG B 215 10.75 0.04 -3.99
CA ARG B 215 11.15 1.06 -4.93
C ARG B 215 11.51 0.48 -6.28
N TYR B 216 11.47 1.33 -7.30
CA TYR B 216 12.06 0.96 -8.59
C TYR B 216 13.57 0.98 -8.51
N HIS B 217 14.19 0.09 -9.27
CA HIS B 217 15.64 0.09 -9.40
C HIS B 217 16.12 1.25 -10.26
N ASP B 218 17.41 1.56 -10.18
CA ASP B 218 17.97 2.75 -10.81
C ASP B 218 17.73 2.84 -12.33
N ASP B 219 17.84 1.71 -13.03
CA ASP B 219 17.64 1.74 -14.47
C ASP B 219 16.20 2.16 -14.81
N ALA B 220 15.22 1.79 -13.98
CA ALA B 220 13.84 2.20 -14.24
C ALA B 220 13.70 3.72 -14.10
N ILE B 221 14.42 4.28 -13.12
CA ILE B 221 14.29 5.70 -12.83
C ILE B 221 15.06 6.49 -13.89
N MET B 222 16.16 5.96 -14.41
CA MET B 222 16.81 6.61 -15.55
C MET B 222 15.92 6.61 -16.80
N PHE B 223 15.23 5.49 -17.02
CA PHE B 223 14.28 5.40 -18.13
C PHE B 223 13.18 6.46 -17.99
N GLU B 224 12.62 6.55 -16.80
CA GLU B 224 11.56 7.52 -16.55
C GLU B 224 11.59 7.96 -15.08
N PRO B 225 12.01 9.21 -14.83
CA PRO B 225 12.24 9.73 -13.47
C PRO B 225 11.02 9.70 -12.58
N ARG B 226 9.84 9.68 -13.18
CA ARG B 226 8.60 9.71 -12.40
C ARG B 226 8.35 8.39 -11.69
N TYR B 227 9.12 7.36 -12.03
CA TYR B 227 9.06 6.09 -11.31
C TYR B 227 9.81 6.18 -9.98
N ALA B 228 10.44 7.32 -9.70
CA ALA B 228 11.11 7.51 -8.41
C ALA B 228 10.07 7.74 -7.33
N VAL B 229 8.84 8.07 -7.72
CA VAL B 229 7.74 8.28 -6.77
C VAL B 229 6.69 7.19 -6.93
N ARG B 230 6.28 6.56 -5.81
CA ARG B 230 5.23 5.55 -5.84
C ARG B 230 4.09 6.01 -4.97
N GLN B 231 2.86 5.87 -5.46
CA GLN B 231 1.73 6.20 -4.61
C GLN B 231 1.37 4.98 -3.79
N PRO B 232 0.68 5.17 -2.65
CA PRO B 232 0.35 4.02 -1.79
C PRO B 232 -0.46 2.94 -2.50
N ASP B 233 -1.31 3.32 -3.44
CA ASP B 233 -2.10 2.32 -4.19
C ASP B 233 -1.44 1.86 -5.49
N GLY B 234 -0.21 2.30 -5.74
CA GLY B 234 0.50 1.92 -6.93
C GLY B 234 -0.12 2.48 -8.21
N GLY B 235 -1.07 3.39 -8.05
CA GLY B 235 -1.77 4.02 -9.16
C GLY B 235 -2.95 3.22 -9.66
N TRP B 236 -3.39 2.25 -8.87
CA TRP B 236 -4.48 1.37 -9.28
C TRP B 236 -5.75 1.59 -8.48
N GLY B 237 -5.63 2.26 -7.33
CA GLY B 237 -6.81 2.39 -6.47
C GLY B 237 -8.03 3.06 -7.06
N GLU B 238 -7.85 4.06 -7.91
CA GLU B 238 -8.98 4.76 -8.50
C GLU B 238 -9.73 3.84 -9.48
N TYR B 239 -9.07 2.79 -9.94
CA TYR B 239 -9.66 1.90 -10.96
C TYR B 239 -10.14 0.56 -10.44
N VAL B 240 -9.61 0.17 -9.29
CA VAL B 240 -9.90 -1.13 -8.71
C VAL B 240 -10.43 -0.98 -7.30
N SER B 241 -11.71 -1.20 -7.11
CA SER B 241 -12.26 -1.08 -5.75
C SER B 241 -11.76 -2.21 -4.86
N ASP B 242 -11.60 -3.41 -5.41
CA ASP B 242 -11.14 -4.54 -4.60
C ASP B 242 -9.63 -4.79 -4.78
N LEU B 243 -8.85 -3.86 -4.26
CA LEU B 243 -7.40 -3.90 -4.45
C LEU B 243 -6.72 -4.33 -3.18
N GLU B 244 -5.86 -5.32 -3.30
CA GLU B 244 -5.05 -5.82 -2.19
C GLU B 244 -3.60 -5.51 -2.52
N VAL B 245 -2.87 -4.94 -1.57
CA VAL B 245 -1.44 -4.72 -1.76
C VAL B 245 -0.67 -5.61 -0.80
N VAL B 246 0.31 -6.33 -1.31
CA VAL B 246 1.16 -7.19 -0.49
C VAL B 246 2.58 -6.65 -0.54
N PRO B 247 3.00 -5.90 0.50
CA PRO B 247 4.36 -5.36 0.51
C PRO B 247 5.38 -6.51 0.50
N ILE B 248 6.35 -6.43 -0.38
CA ILE B 248 7.35 -7.49 -0.48
C ILE B 248 8.76 -6.97 -0.30
N GLY B 249 8.90 -5.66 -0.21
CA GLY B 249 10.21 -5.04 -0.06
C GLY B 249 11.10 -5.14 -1.29
N GLY B 250 12.35 -4.69 -1.14
CA GLY B 250 13.32 -4.78 -2.21
C GLY B 250 13.04 -3.85 -3.37
N GLU B 251 13.75 -4.10 -4.47
CA GLU B 251 13.57 -3.35 -5.70
C GLU B 251 12.79 -4.12 -6.75
N HIS B 252 12.21 -3.37 -7.69
CA HIS B 252 11.43 -3.92 -8.78
C HIS B 252 12.08 -5.12 -9.47
N ILE B 253 13.37 -5.00 -9.74
CA ILE B 253 14.04 -6.01 -10.56
C ILE B 253 14.16 -7.34 -9.82
N GLN B 254 14.14 -7.28 -8.49
CA GLN B 254 14.26 -8.47 -7.67
C GLN B 254 12.92 -9.12 -7.31
N ALA B 255 11.82 -8.50 -7.74
CA ALA B 255 10.51 -8.98 -7.30
C ALA B 255 10.13 -10.32 -7.93
N ILE B 256 10.73 -10.61 -9.08
CA ILE B 256 10.36 -11.80 -9.86
C ILE B 256 11.23 -13.02 -9.53
N ASP B 257 12.28 -12.78 -8.74
CA ASP B 257 13.28 -13.83 -8.44
C ASP B 257 13.33 -14.20 -6.95
N GLU B 258 13.98 -15.32 -6.65
CA GLU B 258 14.25 -15.73 -5.29
C GLU B 258 15.15 -14.71 -4.60
N PRO B 259 14.94 -14.47 -3.30
CA PRO B 259 13.98 -15.13 -2.41
C PRO B 259 12.62 -14.48 -2.38
N ILE B 260 12.49 -13.29 -2.95
CA ILE B 260 11.26 -12.52 -2.80
C ILE B 260 10.08 -13.21 -3.47
N ILE B 261 10.33 -13.94 -4.55
CA ILE B 261 9.22 -14.60 -5.26
C ILE B 261 8.59 -15.70 -4.41
N ALA B 262 9.32 -16.18 -3.40
CA ALA B 262 8.73 -17.17 -2.50
C ALA B 262 7.58 -16.55 -1.70
N LYS B 263 7.71 -15.28 -1.35
CA LYS B 263 6.65 -14.61 -0.62
C LYS B 263 5.43 -14.40 -1.51
N VAL B 264 5.68 -13.96 -2.73
CA VAL B 264 4.63 -13.81 -3.74
C VAL B 264 3.92 -15.14 -3.96
N GLY B 265 4.70 -16.19 -4.19
CA GLY B 265 4.14 -17.49 -4.48
C GLY B 265 3.36 -18.06 -3.32
N GLU B 266 3.83 -17.81 -2.08
CA GLU B 266 3.08 -18.34 -0.93
C GLU B 266 1.70 -17.71 -0.86
N HIS B 267 1.66 -16.40 -1.05
CA HIS B 267 0.39 -15.68 -1.01
C HIS B 267 -0.50 -16.06 -2.20
N MET B 268 0.08 -16.08 -3.39
CA MET B 268 -0.69 -16.43 -4.60
C MET B 268 -1.22 -17.84 -4.51
N SER B 269 -0.44 -18.74 -3.91
CA SER B 269 -0.88 -20.13 -3.73
C SER B 269 -2.16 -20.20 -2.91
N ARG B 270 -2.27 -19.35 -1.89
CA ARG B 270 -3.50 -19.37 -1.08
C ARG B 270 -4.69 -18.90 -1.89
N ALA B 271 -4.50 -17.87 -2.73
CA ALA B 271 -5.62 -17.39 -3.56
C ALA B 271 -6.05 -18.45 -4.56
N LEU B 272 -5.08 -19.13 -5.18
CA LEU B 272 -5.41 -20.20 -6.13
C LEU B 272 -6.12 -21.35 -5.46
N GLY B 273 -5.73 -21.67 -4.22
CA GLY B 273 -6.34 -22.76 -3.48
C GLY B 273 -7.80 -22.47 -3.22
N GLN B 274 -8.10 -21.21 -2.96
CA GLN B 274 -9.48 -20.81 -2.71
C GLN B 274 -10.30 -20.90 -3.99
N ILE B 275 -9.73 -20.49 -5.12
CA ILE B 275 -10.42 -20.66 -6.40
C ILE B 275 -10.70 -22.12 -6.72
N GLU B 276 -9.73 -22.99 -6.44
CA GLU B 276 -9.95 -24.42 -6.67
C GLU B 276 -11.03 -24.99 -5.78
N ALA B 277 -11.05 -24.54 -4.52
CA ALA B 277 -12.04 -25.03 -3.57
C ALA B 277 -13.43 -24.61 -4.00
N ASP B 278 -13.54 -23.41 -4.57
CA ASP B 278 -14.83 -22.88 -4.99
C ASP B 278 -15.44 -23.53 -6.23
N ARG B 279 -14.66 -24.27 -7.00
CA ARG B 279 -15.18 -24.86 -8.24
C ARG B 279 -16.16 -26.01 -8.01
C4 2Q5 C . 1.61 6.72 13.21
O3 2Q5 C . 0.24 6.34 13.38
C7 2Q5 C . -0.77 7.38 13.54
C9 2Q5 C . -1.80 7.34 12.42
C8 2Q5 C . -0.19 8.81 13.64
O4 2Q5 C . -1.18 9.86 13.46
C11 2Q5 C . -0.88 11.28 13.35
C12 2Q5 C . 0.10 11.71 14.45
C10 2Q5 C . -2.17 12.11 13.38
O5 2Q5 C . -2.05 13.55 13.52
O2 2Q5 D . 6.01 -1.96 -13.68
C5 2Q5 D . 5.54 -1.29 -14.87
C6 2Q5 D . 4.09 -0.85 -14.66
C4 2Q5 D . 6.50 -0.18 -15.31
O3 2Q5 D . 7.81 -0.76 -15.36
C7 2Q5 D . 8.98 0.02 -15.51
C9 2Q5 D . 8.88 0.74 -16.85
C8 2Q5 D . 10.17 -0.96 -15.44
O4 2Q5 D . 11.34 -0.40 -16.04
C11 2Q5 D . 12.19 -1.28 -16.81
C12 2Q5 D . 12.52 -2.62 -16.11
C10 2Q5 D . 13.46 -0.53 -17.27
O5 2Q5 D . 14.74 -0.94 -16.70
#